data_3O5U
#
_entry.id   3O5U
#
_cell.length_a   87.310
_cell.length_b   87.310
_cell.length_c   185.921
_cell.angle_alpha   90.000
_cell.angle_beta   90.000
_cell.angle_gamma   120.000
#
_symmetry.space_group_name_H-M   'P 63'
#
loop_
_entity.id
_entity.type
_entity.pdbx_description
1 polymer 'Chlorocatechol 1,2-dioxygenase'
2 non-polymer 'FE (III) ION'
3 non-polymer '(2R)-3-(PHOSPHONOOXY)-2-(TETRADECANOYLOXY)PROPYL PALMITATE'
4 non-polymer '3,4-DIHYDROXYBENZOIC ACID'
5 non-polymer GLYCEROL
6 non-polymer 'CHLORIDE ION'
7 water water
#
_entity_poly.entity_id   1
_entity_poly.type   'polypeptide(L)'
_entity_poly.pdbx_seq_one_letter_code
;MANTRVIELFDEFTDLIRDFIVRHEITTPEYETIMQYMISVGEAGEWPLWLDAFFETTVDSVSYGKGNWTSSAIQGPFFK
EGAPLLTGKPATLPMRADEPGDRMRFTGSVRDTSGTPITGAVIDVWHSTNDGNYSFFSPALPDQYLLRGRVVPAEDGSIE
FHSIRPVPYEIPKAGPTGQLMNSYLGRHSWRPAHIHIRITADGYRPLITQLYFEGDPYLDSDSCSAVKSELVLPVNKIDI
DGETWQLVDFNFILQHN
;
_entity_poly.pdbx_strand_id   A,B
#
loop_
_chem_comp.id
_chem_comp.type
_chem_comp.name
_chem_comp.formula
CL non-polymer 'CHLORIDE ION' 'Cl -1'
DHB non-polymer '3,4-DIHYDROXYBENZOIC ACID' 'C7 H6 O4'
FE non-polymer 'FE (III) ION' 'Fe 3'
GOL non-polymer GLYCEROL 'C3 H8 O3'
MYY non-polymer '(2R)-3-(PHOSPHONOOXY)-2-(TETRADECANOYLOXY)PROPYL PALMITATE' 'C33 H65 O8 P'
#
# COMPACT_ATOMS: atom_id res chain seq x y z
N ALA A 2 -20.28 10.86 -3.34
CA ALA A 2 -19.19 11.77 -2.88
C ALA A 2 -18.99 11.75 -1.35
N ASN A 3 -17.72 11.75 -0.92
CA ASN A 3 -17.36 11.79 0.50
C ASN A 3 -16.28 12.88 0.75
N THR A 4 -16.67 13.97 1.41
CA THR A 4 -15.82 15.17 1.56
C THR A 4 -14.56 14.93 2.41
N ARG A 5 -14.72 14.14 3.49
CA ARG A 5 -13.59 13.69 4.35
C ARG A 5 -12.44 13.10 3.49
N VAL A 6 -12.75 12.09 2.69
CA VAL A 6 -11.81 11.50 1.73
C VAL A 6 -11.17 12.52 0.77
N ILE A 7 -11.94 13.46 0.22
CA ILE A 7 -11.38 14.41 -0.75
C ILE A 7 -10.34 15.30 -0.08
N GLU A 8 -10.75 15.93 1.02
CA GLU A 8 -9.87 16.73 1.86
C GLU A 8 -8.53 16.05 2.09
N LEU A 9 -8.55 14.82 2.58
CA LEU A 9 -7.35 14.09 2.98
C LEU A 9 -6.50 13.55 1.82
N PHE A 10 -7.19 12.97 0.83
CA PHE A 10 -6.53 12.29 -0.24
C PHE A 10 -5.64 13.23 -1.05
N ASP A 11 -6.16 14.39 -1.42
CA ASP A 11 -5.37 15.37 -2.16
C ASP A 11 -4.17 15.85 -1.37
N GLU A 12 -4.31 16.09 -0.08
CA GLU A 12 -3.11 16.47 0.65
C GLU A 12 -2.12 15.30 0.76
N PHE A 13 -2.67 14.08 0.91
CA PHE A 13 -1.84 12.89 0.94
C PHE A 13 -1.05 12.73 -0.35
N THR A 14 -1.71 12.84 -1.50
CA THR A 14 -0.99 12.66 -2.75
C THR A 14 0.07 13.76 -2.97
N ASP A 15 -0.27 15.00 -2.62
CA ASP A 15 0.69 16.10 -2.67
C ASP A 15 1.94 15.81 -1.83
N LEU A 16 1.74 15.32 -0.62
CA LEU A 16 2.90 14.99 0.24
C LEU A 16 3.79 13.87 -0.27
N ILE A 17 3.19 12.77 -0.75
CA ILE A 17 3.98 11.71 -1.38
C ILE A 17 4.72 12.22 -2.60
N ARG A 18 4.07 13.02 -3.43
CA ARG A 18 4.73 13.57 -4.62
C ARG A 18 5.94 14.42 -4.27
N ASP A 19 5.78 15.34 -3.33
CA ASP A 19 6.93 16.12 -2.84
C ASP A 19 7.96 15.15 -2.29
N PHE A 20 7.50 14.08 -1.61
CA PHE A 20 8.44 13.13 -1.05
C PHE A 20 9.24 12.47 -2.17
N ILE A 21 8.58 12.13 -3.28
CA ILE A 21 9.25 11.48 -4.39
C ILE A 21 10.33 12.40 -5.01
N VAL A 22 10.00 13.68 -5.17
CA VAL A 22 10.98 14.62 -5.72
C VAL A 22 12.11 14.87 -4.72
N ARG A 23 11.76 15.16 -3.48
CA ARG A 23 12.80 15.50 -2.50
C ARG A 23 13.79 14.32 -2.24
N HIS A 24 13.36 13.09 -2.47
CA HIS A 24 14.24 11.94 -2.15
C HIS A 24 14.78 11.23 -3.36
N GLU A 25 14.42 11.78 -4.53
CA GLU A 25 14.89 11.33 -5.82
C GLU A 25 14.48 9.88 -6.11
N ILE A 26 13.23 9.54 -5.88
CA ILE A 26 12.79 8.14 -6.10
C ILE A 26 12.65 7.89 -7.60
N THR A 27 13.49 7.02 -8.14
CA THR A 27 13.50 6.81 -9.57
C THR A 27 12.66 5.56 -10.02
N THR A 28 12.38 5.52 -11.33
CA THR A 28 11.78 4.39 -12.01
C THR A 28 12.10 3.03 -11.42
N PRO A 29 13.38 2.63 -11.38
CA PRO A 29 13.57 1.27 -10.82
C PRO A 29 13.16 1.08 -9.34
N GLU A 30 13.31 2.15 -8.55
CA GLU A 30 12.99 2.14 -7.11
C GLU A 30 11.47 2.03 -6.92
N TYR A 31 10.77 2.81 -7.72
CA TYR A 31 9.34 2.82 -7.81
C TYR A 31 8.78 1.42 -8.10
N GLU A 32 9.30 0.75 -9.12
CA GLU A 32 8.92 -0.62 -9.46
C GLU A 32 9.22 -1.60 -8.31
N THR A 33 10.37 -1.44 -7.66
CA THR A 33 10.67 -2.20 -6.44
C THR A 33 9.63 -1.99 -5.35
N ILE A 34 9.27 -0.74 -5.12
CA ILE A 34 8.30 -0.40 -4.10
C ILE A 34 7.00 -1.06 -4.46
N MET A 35 6.59 -0.90 -5.73
CA MET A 35 5.34 -1.41 -6.25
C MET A 35 5.28 -2.92 -6.08
N GLN A 36 6.35 -3.59 -6.44
CA GLN A 36 6.36 -5.03 -6.35
C GLN A 36 6.35 -5.42 -4.88
N TYR A 37 6.94 -4.58 -4.05
CA TYR A 37 6.93 -4.88 -2.63
C TYR A 37 5.50 -4.79 -2.03
N MET A 38 4.73 -3.79 -2.44
CA MET A 38 3.38 -3.62 -1.97
C MET A 38 2.55 -4.84 -2.37
N ILE A 39 2.74 -5.29 -3.62
CA ILE A 39 2.04 -6.44 -4.19
C ILE A 39 2.32 -7.64 -3.33
N SER A 40 3.57 -7.85 -2.98
CA SER A 40 3.91 -9.02 -2.23
C SER A 40 3.42 -8.97 -0.77
N VAL A 41 3.41 -7.78 -0.13
CA VAL A 41 2.80 -7.63 1.20
C VAL A 41 1.35 -8.14 1.15
N GLY A 42 0.62 -7.73 0.11
CA GLY A 42 -0.76 -8.13 -0.09
C GLY A 42 -0.91 -9.64 -0.28
N GLU A 43 -0.03 -10.22 -1.10
CA GLU A 43 -0.06 -11.67 -1.41
C GLU A 43 0.23 -12.53 -0.20
N ALA A 44 1.00 -11.98 0.73
CA ALA A 44 1.31 -12.71 1.95
C ALA A 44 0.21 -12.45 3.02
N GLY A 45 -0.81 -11.66 2.70
CA GLY A 45 -1.79 -11.25 3.74
C GLY A 45 -1.20 -10.48 4.93
N GLU A 46 -0.15 -9.69 4.70
CA GLU A 46 0.53 -9.01 5.78
C GLU A 46 0.17 -7.55 5.98
N TRP A 47 -0.83 -7.01 5.28
CA TRP A 47 -1.13 -5.58 5.50
C TRP A 47 -1.47 -5.26 6.96
N PRO A 48 -2.32 -6.06 7.66
CA PRO A 48 -2.56 -5.71 9.06
C PRO A 48 -1.31 -5.76 9.90
N LEU A 49 -0.50 -6.79 9.68
CA LEU A 49 0.77 -6.94 10.41
C LEU A 49 1.72 -5.77 10.14
N TRP A 50 1.74 -5.36 8.88
CA TRP A 50 2.66 -4.34 8.41
C TRP A 50 2.21 -2.96 8.92
N LEU A 51 0.99 -2.56 8.58
CA LEU A 51 0.42 -1.31 9.07
C LEU A 51 0.43 -1.23 10.58
N ASP A 52 0.05 -2.30 11.30
CA ASP A 52 0.10 -2.22 12.78
C ASP A 52 1.50 -1.94 13.32
N ALA A 53 2.50 -2.61 12.76
CA ALA A 53 3.90 -2.48 13.19
C ALA A 53 4.40 -1.05 13.14
N PHE A 54 4.04 -0.28 12.10
CA PHE A 54 4.60 1.06 11.87
C PHE A 54 3.72 2.26 12.20
N PHE A 55 2.39 2.14 12.13
CA PHE A 55 1.48 3.28 12.23
C PHE A 55 0.42 3.24 13.33
N GLU A 56 0.09 2.03 13.80
CA GLU A 56 -0.99 1.86 14.76
C GLU A 56 -0.75 2.58 16.12
N THR A 57 0.48 2.61 16.61
CA THR A 57 0.78 3.41 17.83
C THR A 57 0.29 4.86 17.70
N THR A 58 0.44 5.42 16.51
CA THR A 58 0.04 6.82 16.27
C THR A 58 -1.46 6.97 16.23
N VAL A 59 -2.12 6.05 15.55
CA VAL A 59 -3.59 6.03 15.51
C VAL A 59 -4.14 5.91 16.93
N ASP A 60 -3.59 5.00 17.74
CA ASP A 60 -3.97 4.92 19.15
C ASP A 60 -3.87 6.29 19.87
N SER A 61 -2.73 6.99 19.70
CA SER A 61 -2.51 8.33 20.31
C SER A 61 -3.65 9.30 20.07
N VAL A 62 -4.03 9.43 18.80
CA VAL A 62 -5.08 10.32 18.44
C VAL A 62 -6.37 9.93 19.15
N SER A 63 -6.64 8.63 19.13
CA SER A 63 -7.83 8.11 19.74
C SER A 63 -7.85 8.20 21.30
N TYR A 64 -6.77 7.79 21.98
CA TYR A 64 -6.85 7.71 23.45
C TYR A 64 -6.23 8.87 24.21
N GLY A 65 -5.44 9.70 23.51
CA GLY A 65 -4.86 10.91 24.10
C GLY A 65 -3.85 10.50 25.14
N LYS A 66 -3.56 11.36 26.09
CA LYS A 66 -2.72 10.92 27.22
C LYS A 66 -3.07 11.58 28.56
N GLY A 67 -2.63 10.94 29.65
CA GLY A 67 -3.07 11.35 30.98
C GLY A 67 -2.78 10.33 32.05
N ASN A 68 -3.60 10.41 33.11
CA ASN A 68 -3.43 9.68 34.37
C ASN A 68 -3.74 8.18 34.27
N TRP A 69 -4.44 7.80 33.20
CA TRP A 69 -4.89 6.44 33.01
C TRP A 69 -3.80 5.60 32.39
N THR A 70 -4.05 4.31 32.32
CA THR A 70 -3.12 3.38 31.73
C THR A 70 -2.79 3.71 30.24
N SER A 71 -1.53 3.57 29.89
CA SER A 71 -1.09 3.79 28.55
C SER A 71 -1.56 2.68 27.64
N SER A 72 -1.91 3.06 26.40
CA SER A 72 -2.16 2.16 25.29
C SER A 72 -0.93 1.45 24.79
N ALA A 73 -1.19 0.32 24.13
CA ALA A 73 -0.22 -0.30 23.26
C ALA A 73 -1.09 -0.89 22.11
N ILE A 74 -0.51 -1.12 20.94
CA ILE A 74 -1.27 -1.49 19.79
C ILE A 74 -2.10 -2.74 20.03
N GLN A 75 -3.23 -2.86 19.38
CA GLN A 75 -3.97 -4.09 19.41
C GLN A 75 -3.22 -5.16 18.59
N GLY A 76 -2.59 -4.75 17.48
CA GLY A 76 -1.94 -5.68 16.56
C GLY A 76 -2.98 -6.46 15.75
N PRO A 77 -2.54 -7.47 14.97
CA PRO A 77 -3.51 -8.12 14.08
C PRO A 77 -4.11 -9.37 14.66
N PHE A 78 -3.67 -9.81 15.84
CA PHE A 78 -4.00 -11.12 16.35
C PHE A 78 -5.17 -11.21 17.36
N PHE A 79 -6.00 -10.16 17.49
CA PHE A 79 -7.17 -10.26 18.34
C PHE A 79 -8.26 -11.13 17.71
N LYS A 80 -9.07 -11.76 18.54
CA LYS A 80 -10.19 -12.54 18.05
C LYS A 80 -11.40 -12.33 18.95
N GLU A 81 -12.49 -11.81 18.40
CA GLU A 81 -13.74 -11.57 19.12
C GLU A 81 -14.37 -12.88 19.57
N GLY A 82 -15.19 -12.84 20.61
CA GLY A 82 -15.90 -14.04 21.06
C GLY A 82 -15.07 -14.96 21.96
N ALA A 83 -14.02 -14.46 22.63
CA ALA A 83 -13.25 -15.30 23.58
C ALA A 83 -14.13 -15.69 24.77
N PRO A 84 -13.96 -16.93 25.30
CA PRO A 84 -14.89 -17.40 26.32
C PRO A 84 -14.66 -16.72 27.67
N LEU A 85 -15.76 -16.53 28.40
CA LEU A 85 -15.75 -16.00 29.74
C LEU A 85 -15.26 -17.06 30.74
N LEU A 86 -14.31 -16.69 31.60
CA LEU A 86 -13.78 -17.59 32.58
C LEU A 86 -14.21 -17.21 33.98
N THR A 87 -14.88 -18.13 34.66
CA THR A 87 -15.39 -17.82 35.99
C THR A 87 -14.90 -18.84 37.01
N GLY A 88 -14.09 -19.79 36.56
CA GLY A 88 -13.45 -20.72 37.45
C GLY A 88 -12.72 -19.99 38.54
N LYS A 89 -12.36 -20.70 39.58
CA LYS A 89 -11.57 -20.13 40.66
C LYS A 89 -10.35 -21.00 40.80
N PRO A 90 -9.23 -20.58 40.22
CA PRO A 90 -9.17 -19.28 39.56
C PRO A 90 -9.34 -19.46 38.06
N ALA A 91 -9.60 -18.36 37.36
CA ALA A 91 -9.75 -18.40 35.92
C ALA A 91 -8.44 -18.76 35.24
N THR A 92 -8.50 -19.75 34.36
CA THR A 92 -7.35 -20.23 33.60
C THR A 92 -7.62 -20.12 32.12
N LEU A 93 -6.72 -19.49 31.37
CA LEU A 93 -6.89 -19.44 29.92
C LEU A 93 -6.88 -20.88 29.38
N PRO A 94 -7.70 -21.14 28.34
CA PRO A 94 -7.78 -22.48 27.74
C PRO A 94 -6.44 -22.81 27.10
N MET A 95 -5.99 -24.03 27.31
CA MET A 95 -4.68 -24.47 26.81
C MET A 95 -4.66 -25.99 26.75
N ARG A 96 -3.64 -26.52 26.08
CA ARG A 96 -3.43 -27.94 25.96
C ARG A 96 -2.94 -28.56 27.27
N ALA A 97 -3.24 -29.83 27.47
CA ALA A 97 -2.60 -30.62 28.51
C ALA A 97 -1.11 -30.48 28.24
N ASP A 98 -0.27 -30.27 29.22
CA ASP A 98 1.16 -30.16 28.89
C ASP A 98 1.54 -28.87 28.21
N GLU A 99 0.68 -27.86 28.27
CA GLU A 99 0.96 -26.60 27.54
C GLU A 99 2.34 -26.14 27.95
N PRO A 100 3.28 -26.05 27.00
CA PRO A 100 4.66 -25.64 27.33
C PRO A 100 4.78 -24.21 27.89
N GLY A 101 5.85 -23.99 28.65
CA GLY A 101 6.23 -22.68 29.19
C GLY A 101 6.18 -22.69 30.71
N ASP A 102 6.73 -21.68 31.36
CA ASP A 102 6.54 -21.57 32.80
C ASP A 102 5.08 -21.21 33.00
N ARG A 103 4.56 -21.49 34.20
CA ARG A 103 3.19 -21.12 34.53
C ARG A 103 3.16 -19.65 34.85
N MET A 104 2.04 -19.00 34.67
CA MET A 104 2.02 -17.61 35.04
C MET A 104 0.76 -17.27 35.80
N ARG A 105 0.87 -16.47 36.83
CA ARG A 105 -0.30 -15.95 37.46
C ARG A 105 -0.29 -14.47 37.43
N PHE A 106 -1.41 -13.90 36.99
CA PHE A 106 -1.61 -12.48 36.91
C PHE A 106 -2.72 -12.09 37.89
N THR A 107 -2.44 -11.06 38.69
CA THR A 107 -3.43 -10.41 39.56
C THR A 107 -3.44 -8.91 39.25
N GLY A 108 -4.46 -8.20 39.64
CA GLY A 108 -4.52 -6.83 39.27
C GLY A 108 -5.85 -6.28 39.66
N SER A 109 -6.18 -5.10 39.16
CA SER A 109 -7.46 -4.44 39.45
C SER A 109 -7.90 -3.49 38.32
N VAL A 110 -9.14 -3.02 38.33
CA VAL A 110 -9.60 -2.11 37.33
C VAL A 110 -10.35 -0.96 38.03
N ARG A 111 -9.77 0.23 37.98
CA ARG A 111 -10.38 1.38 38.69
C ARG A 111 -10.41 2.59 37.79
N ASP A 112 -11.22 3.58 38.13
CA ASP A 112 -11.07 4.86 37.46
C ASP A 112 -10.01 5.75 38.13
N THR A 113 -9.91 7.00 37.69
CA THR A 113 -8.87 7.91 38.24
C THR A 113 -9.11 8.37 39.69
N SER A 114 -10.34 8.24 40.19
CA SER A 114 -10.61 8.38 41.63
C SER A 114 -10.23 7.11 42.40
N GLY A 115 -9.97 6.03 41.68
CA GLY A 115 -9.74 4.75 42.34
C GLY A 115 -11.01 4.02 42.71
N THR A 116 -12.16 4.38 42.14
CA THR A 116 -13.39 3.60 42.28
C THR A 116 -13.31 2.31 41.40
N PRO A 117 -13.75 1.14 41.94
CA PRO A 117 -13.63 -0.06 41.12
C PRO A 117 -14.63 -0.04 40.00
N ILE A 118 -14.24 -0.56 38.85
CA ILE A 118 -15.08 -0.53 37.67
C ILE A 118 -15.68 -1.92 37.45
N THR A 119 -16.72 -2.22 38.22
CA THR A 119 -17.38 -3.52 38.22
C THR A 119 -17.98 -3.89 36.89
N GLY A 120 -18.28 -2.89 36.07
CA GLY A 120 -18.86 -3.14 34.76
C GLY A 120 -17.87 -3.53 33.64
N ALA A 121 -16.59 -3.69 33.96
CA ALA A 121 -15.55 -4.01 32.95
C ALA A 121 -15.54 -5.49 32.51
N VAL A 122 -15.19 -5.74 31.25
CA VAL A 122 -14.80 -7.07 30.78
C VAL A 122 -13.37 -6.93 30.25
N ILE A 123 -12.51 -7.89 30.60
CA ILE A 123 -11.12 -7.86 30.21
C ILE A 123 -10.79 -9.04 29.29
N ASP A 124 -10.45 -8.71 28.05
CA ASP A 124 -9.92 -9.67 27.12
C ASP A 124 -8.42 -9.79 27.26
N VAL A 125 -7.96 -11.03 27.19
CA VAL A 125 -6.60 -11.44 27.29
C VAL A 125 -6.29 -12.30 26.12
N TRP A 126 -5.14 -12.08 25.50
CA TRP A 126 -4.63 -13.03 24.48
C TRP A 126 -3.12 -12.89 24.39
N HIS A 127 -2.42 -13.97 24.08
CA HIS A 127 -0.95 -14.00 23.99
C HIS A 127 -0.56 -15.26 23.24
N SER A 128 0.70 -15.33 22.81
CA SER A 128 1.16 -16.44 22.00
C SER A 128 1.63 -17.58 22.88
N THR A 129 1.77 -18.75 22.26
CA THR A 129 2.33 -19.96 22.91
C THR A 129 3.81 -19.78 23.24
N ASN A 130 4.33 -20.67 24.09
CA ASN A 130 5.77 -20.67 24.42
C ASN A 130 6.67 -20.73 23.17
N ASP A 131 6.04 -20.79 22.00
CA ASP A 131 6.62 -21.16 20.72
C ASP A 131 6.38 -20.03 19.70
N GLY A 132 5.78 -18.92 20.15
CA GLY A 132 5.49 -17.81 19.25
C GLY A 132 4.38 -17.98 18.22
N ASN A 133 3.31 -18.69 18.59
CA ASN A 133 2.14 -18.73 17.70
C ASN A 133 0.89 -18.30 18.43
N TYR A 134 -0.01 -17.71 17.69
CA TYR A 134 -1.28 -17.34 18.18
C TYR A 134 -2.35 -18.31 17.64
N SER A 135 -3.29 -18.75 18.48
CA SER A 135 -4.42 -19.57 17.98
C SER A 135 -5.25 -18.76 17.01
N PHE A 136 -5.76 -19.45 15.97
CA PHE A 136 -6.43 -18.83 14.80
C PHE A 136 -5.46 -18.25 13.73
N PHE A 137 -4.18 -18.14 14.05
CA PHE A 137 -3.27 -17.44 13.13
C PHE A 137 -2.05 -18.27 12.85
N SER A 138 -2.07 -19.55 13.18
CA SER A 138 -0.94 -20.40 12.93
C SER A 138 -1.45 -21.76 12.48
N PRO A 139 -0.84 -22.30 11.39
CA PRO A 139 -1.20 -23.63 10.90
C PRO A 139 -0.82 -24.74 11.90
N ALA A 140 0.05 -24.40 12.84
CA ALA A 140 0.52 -25.30 13.87
C ALA A 140 -0.40 -25.34 15.12
N LEU A 141 -1.49 -24.57 15.09
CA LEU A 141 -2.42 -24.53 16.20
C LEU A 141 -3.83 -24.64 15.67
N PRO A 142 -4.73 -25.23 16.45
CA PRO A 142 -6.16 -25.30 16.11
C PRO A 142 -6.80 -23.90 15.97
N ASP A 143 -7.78 -23.74 15.11
CA ASP A 143 -8.58 -22.54 15.14
C ASP A 143 -9.60 -22.61 16.30
N GLN A 144 -9.08 -22.65 17.52
CA GLN A 144 -9.89 -22.65 18.75
C GLN A 144 -9.29 -21.60 19.69
N TYR A 145 -10.09 -21.17 20.67
CA TYR A 145 -9.64 -20.15 21.62
C TYR A 145 -8.55 -20.67 22.56
N LEU A 146 -7.38 -21.01 22.06
CA LEU A 146 -6.28 -21.34 23.01
C LEU A 146 -5.52 -20.07 23.37
N LEU A 147 -5.25 -19.92 24.67
CA LEU A 147 -4.57 -18.73 25.24
C LEU A 147 -5.31 -17.41 25.01
N ARG A 148 -6.64 -17.49 25.06
CA ARG A 148 -7.54 -16.35 24.84
C ARG A 148 -8.70 -16.53 25.78
N GLY A 149 -9.16 -15.44 26.42
CA GLY A 149 -10.26 -15.52 27.40
C GLY A 149 -10.72 -14.15 27.89
N ARG A 150 -11.89 -14.10 28.52
CA ARG A 150 -12.36 -12.86 29.17
C ARG A 150 -12.49 -13.07 30.67
N VAL A 151 -12.12 -12.08 31.48
CA VAL A 151 -12.34 -12.17 32.92
C VAL A 151 -13.11 -10.94 33.36
N VAL A 152 -13.79 -11.00 34.48
CA VAL A 152 -14.51 -9.85 34.98
C VAL A 152 -14.01 -9.59 36.39
N PRO A 153 -13.95 -8.30 36.79
CA PRO A 153 -13.46 -8.03 38.14
C PRO A 153 -14.49 -8.43 39.18
N ALA A 154 -14.00 -8.84 40.34
CA ALA A 154 -14.80 -8.96 41.56
C ALA A 154 -15.35 -7.57 41.86
N GLU A 155 -16.35 -7.46 42.73
CA GLU A 155 -16.91 -6.15 43.05
C GLU A 155 -15.92 -5.18 43.73
N ASP A 156 -14.87 -5.69 44.38
CA ASP A 156 -13.77 -4.82 44.85
C ASP A 156 -12.81 -4.40 43.74
N GLY A 157 -13.08 -4.85 42.49
CA GLY A 157 -12.33 -4.42 41.31
C GLY A 157 -11.14 -5.28 40.97
N SER A 158 -10.81 -6.24 41.83
CA SER A 158 -9.63 -7.12 41.64
C SER A 158 -9.85 -8.18 40.53
N ILE A 159 -8.79 -8.61 39.86
CA ILE A 159 -8.91 -9.67 38.87
C ILE A 159 -7.73 -10.60 39.01
N GLU A 160 -7.86 -11.78 38.41
CA GLU A 160 -6.86 -12.81 38.49
C GLU A 160 -7.08 -13.77 37.33
N PHE A 161 -6.01 -14.23 36.69
CA PHE A 161 -6.09 -15.30 35.72
C PHE A 161 -4.74 -16.03 35.73
N HIS A 162 -4.76 -17.31 35.37
CA HIS A 162 -3.57 -18.12 35.31
C HIS A 162 -3.38 -18.48 33.87
N SER A 163 -2.13 -18.59 33.42
CA SER A 163 -1.85 -19.01 32.06
C SER A 163 -0.44 -19.57 31.97
N ILE A 164 0.17 -19.48 30.79
CA ILE A 164 1.63 -19.70 30.67
C ILE A 164 2.34 -18.39 30.39
N ARG A 165 3.65 -18.38 30.59
CA ARG A 165 4.41 -17.18 30.38
C ARG A 165 4.64 -17.00 28.87
N PRO A 166 4.13 -15.91 28.27
CA PRO A 166 4.42 -15.71 26.83
C PRO A 166 5.94 -15.37 26.63
N VAL A 167 6.49 -15.65 25.46
CA VAL A 167 7.91 -15.36 25.17
C VAL A 167 8.10 -14.34 24.00
N PRO A 168 9.35 -13.90 23.74
CA PRO A 168 9.51 -12.93 22.66
C PRO A 168 9.03 -13.54 21.36
N TYR A 169 8.54 -12.69 20.44
CA TYR A 169 7.83 -13.16 19.26
C TYR A 169 8.50 -12.63 18.03
N GLU A 170 8.79 -13.53 17.08
CA GLU A 170 9.45 -13.13 15.85
C GLU A 170 8.51 -13.07 14.63
N ILE A 171 8.27 -11.87 14.12
CA ILE A 171 7.66 -11.72 12.77
C ILE A 171 8.55 -12.48 11.74
N PRO A 172 7.95 -13.45 11.01
CA PRO A 172 8.74 -14.31 10.09
C PRO A 172 9.75 -13.55 9.20
N LYS A 173 11.03 -13.91 9.35
CA LYS A 173 12.14 -13.34 8.54
C LYS A 173 11.90 -13.32 7.03
N ALA A 174 11.21 -14.36 6.55
CA ALA A 174 11.08 -14.64 5.13
C ALA A 174 9.90 -13.93 4.43
N GLY A 175 8.91 -13.48 5.20
CA GLY A 175 7.83 -12.68 4.63
C GLY A 175 8.31 -11.26 4.38
N PRO A 176 7.53 -10.50 3.58
CA PRO A 176 7.95 -9.17 3.23
C PRO A 176 8.09 -8.23 4.41
N THR A 177 7.24 -8.37 5.44
CA THR A 177 7.40 -7.51 6.62
C THR A 177 8.74 -7.77 7.29
N GLY A 178 9.06 -9.05 7.49
CA GLY A 178 10.33 -9.47 8.10
C GLY A 178 11.55 -9.10 7.26
N GLN A 179 11.39 -9.14 5.94
CA GLN A 179 12.47 -8.84 5.02
C GLN A 179 12.84 -7.36 5.13
N LEU A 180 11.84 -6.47 5.16
CA LEU A 180 12.05 -5.05 5.48
C LEU A 180 12.81 -4.81 6.82
N MET A 181 12.30 -5.44 7.89
CA MET A 181 12.89 -5.22 9.20
C MET A 181 14.33 -5.78 9.30
N ASN A 182 14.56 -7.01 8.85
CA ASN A 182 15.91 -7.58 8.95
C ASN A 182 16.86 -7.09 7.88
N SER A 183 16.48 -7.29 6.63
CA SER A 183 17.40 -7.13 5.52
C SER A 183 17.49 -5.66 5.05
N TYR A 184 16.37 -5.05 4.73
CA TYR A 184 16.43 -3.73 4.14
C TYR A 184 16.72 -2.65 5.18
N LEU A 185 16.34 -2.90 6.43
CA LEU A 185 16.58 -1.88 7.43
C LEU A 185 17.76 -2.24 8.31
N GLY A 186 18.19 -3.50 8.23
CA GLY A 186 19.32 -3.95 9.01
C GLY A 186 19.00 -3.94 10.50
N ARG A 187 17.72 -4.12 10.84
CA ARG A 187 17.32 -4.19 12.25
C ARG A 187 16.95 -5.64 12.52
N HIS A 188 15.95 -5.89 13.34
CA HIS A 188 15.43 -7.24 13.55
C HIS A 188 13.89 -7.17 13.50
N SER A 189 13.23 -8.32 13.61
CA SER A 189 11.77 -8.36 13.59
C SER A 189 11.15 -8.98 14.87
N TRP A 190 11.85 -8.90 16.00
CA TRP A 190 11.36 -9.41 17.27
C TRP A 190 10.52 -8.35 17.98
N ARG A 191 9.55 -8.81 18.76
CA ARG A 191 8.88 -7.99 19.75
C ARG A 191 9.25 -8.63 21.09
N PRO A 192 9.25 -7.84 22.16
CA PRO A 192 9.40 -8.45 23.49
C PRO A 192 8.12 -9.24 23.81
N ALA A 193 8.24 -10.14 24.78
CA ALA A 193 7.13 -11.01 25.26
C ALA A 193 6.05 -10.12 25.79
N HIS A 194 4.80 -10.45 25.50
CA HIS A 194 3.73 -9.57 25.98
C HIS A 194 2.38 -10.29 26.15
N ILE A 195 1.55 -9.69 26.98
CA ILE A 195 0.19 -10.15 27.18
C ILE A 195 -0.63 -9.02 26.61
N HIS A 196 -1.60 -9.34 25.77
CA HIS A 196 -2.48 -8.34 25.19
C HIS A 196 -3.65 -8.20 26.14
N ILE A 197 -4.13 -6.98 26.34
CA ILE A 197 -5.24 -6.71 27.22
C ILE A 197 -6.22 -5.78 26.51
N ARG A 198 -7.53 -6.08 26.54
CA ARG A 198 -8.53 -5.08 26.18
C ARG A 198 -9.63 -4.99 27.22
N ILE A 199 -9.88 -3.77 27.70
CA ILE A 199 -10.84 -3.59 28.74
C ILE A 199 -11.91 -2.64 28.26
N THR A 200 -13.17 -3.09 28.27
CA THR A 200 -14.27 -2.19 27.96
C THR A 200 -15.24 -2.08 29.15
N ALA A 201 -15.98 -0.99 29.20
CA ALA A 201 -16.93 -0.67 30.30
C ALA A 201 -17.80 0.54 29.91
N ASP A 202 -19.11 0.42 30.15
CA ASP A 202 -20.04 1.52 29.90
C ASP A 202 -19.58 2.75 30.70
N GLY A 203 -19.54 3.90 30.04
CA GLY A 203 -19.09 5.13 30.68
C GLY A 203 -17.60 5.35 30.50
N TYR A 204 -16.91 4.45 29.80
CA TYR A 204 -15.44 4.53 29.72
C TYR A 204 -14.91 4.28 28.34
N ARG A 205 -13.78 4.91 28.05
CA ARG A 205 -13.02 4.66 26.83
C ARG A 205 -12.35 3.29 26.91
N PRO A 206 -12.44 2.51 25.84
CA PRO A 206 -11.76 1.23 25.84
C PRO A 206 -10.30 1.44 26.15
N LEU A 207 -9.71 0.55 26.95
CA LEU A 207 -8.29 0.52 27.06
C LEU A 207 -7.79 -0.71 26.27
N ILE A 208 -6.93 -0.47 25.29
CA ILE A 208 -6.25 -1.53 24.63
C ILE A 208 -4.79 -1.33 24.95
N THR A 209 -4.18 -2.34 25.57
CA THR A 209 -2.82 -2.23 25.93
C THR A 209 -2.08 -3.58 25.90
N GLN A 210 -0.79 -3.56 26.28
CA GLN A 210 0.06 -4.74 26.39
C GLN A 210 0.89 -4.69 27.67
N LEU A 211 1.20 -5.85 28.25
CA LEU A 211 2.06 -5.90 29.41
C LEU A 211 3.32 -6.67 29.08
N TYR A 212 4.47 -6.09 29.43
CA TYR A 212 5.78 -6.67 29.15
C TYR A 212 6.47 -7.11 30.45
N PHE A 213 7.61 -7.76 30.32
CA PHE A 213 8.30 -8.41 31.43
C PHE A 213 9.72 -7.84 31.61
N GLU A 214 10.09 -7.49 32.85
CA GLU A 214 11.42 -6.88 33.14
C GLU A 214 12.51 -7.81 32.69
N GLY A 215 13.57 -7.26 32.13
CA GLY A 215 14.71 -8.07 31.73
C GLY A 215 14.59 -8.74 30.38
N ASP A 216 13.47 -8.52 29.71
CA ASP A 216 13.29 -8.94 28.32
C ASP A 216 14.34 -8.23 27.47
N PRO A 217 15.11 -9.00 26.68
CA PRO A 217 16.17 -8.47 25.80
C PRO A 217 15.67 -7.50 24.72
N TYR A 218 14.38 -7.56 24.39
CA TYR A 218 13.85 -6.69 23.33
C TYR A 218 13.11 -5.44 23.78
N LEU A 219 13.12 -5.17 25.07
CA LEU A 219 12.37 -3.99 25.57
C LEU A 219 12.80 -2.68 24.93
N ASP A 220 14.06 -2.60 24.49
CA ASP A 220 14.59 -1.31 23.94
C ASP A 220 14.67 -1.28 22.43
N SER A 221 14.37 -2.41 21.79
CA SER A 221 14.27 -2.50 20.36
C SER A 221 13.00 -3.28 19.90
N ASP A 222 11.83 -2.85 20.36
CA ASP A 222 10.56 -3.48 19.95
C ASP A 222 10.36 -3.16 18.46
N SER A 223 10.27 -4.19 17.61
CA SER A 223 10.10 -3.93 16.19
C SER A 223 8.80 -3.18 15.83
N CYS A 224 7.78 -3.21 16.71
CA CYS A 224 6.54 -2.40 16.58
C CYS A 224 6.47 -1.17 17.49
N SER A 225 7.57 -0.88 18.20
CA SER A 225 7.74 0.39 18.95
C SER A 225 6.60 0.66 19.92
N ALA A 226 6.24 -0.34 20.73
CA ALA A 226 5.03 -0.29 21.54
C ALA A 226 5.26 -0.42 23.06
N VAL A 227 6.50 -0.51 23.47
CA VAL A 227 6.89 -0.59 24.88
C VAL A 227 6.78 0.81 25.52
N LYS A 228 6.13 0.88 26.69
CA LYS A 228 6.12 2.08 27.55
C LYS A 228 6.57 1.57 28.91
N SER A 229 7.33 2.42 29.62
CA SER A 229 7.98 2.00 30.84
C SER A 229 6.99 1.49 31.90
N GLU A 230 5.89 2.19 32.09
CA GLU A 230 4.90 1.71 33.06
C GLU A 230 4.31 0.32 32.76
N LEU A 231 4.46 -0.19 31.54
CA LEU A 231 3.86 -1.46 31.13
C LEU A 231 4.79 -2.59 31.29
N VAL A 232 6.02 -2.31 31.74
CA VAL A 232 7.00 -3.37 31.97
C VAL A 232 6.84 -3.87 33.39
N LEU A 233 6.59 -5.17 33.56
CA LEU A 233 6.23 -5.75 34.86
C LEU A 233 7.39 -6.45 35.55
N PRO A 234 7.57 -6.15 36.85
CA PRO A 234 8.45 -7.02 37.66
C PRO A 234 7.85 -8.43 37.81
N VAL A 235 8.75 -9.39 37.83
CA VAL A 235 8.38 -10.78 37.90
C VAL A 235 8.86 -11.33 39.24
N ASN A 236 7.97 -12.04 39.95
CA ASN A 236 8.35 -12.84 41.11
C ASN A 236 8.23 -14.32 40.74
N LYS A 237 9.39 -14.97 40.58
CA LYS A 237 9.42 -16.39 40.17
C LYS A 237 9.43 -17.28 41.39
N ILE A 238 8.51 -18.25 41.46
CA ILE A 238 8.49 -19.21 42.57
C ILE A 238 8.37 -20.62 42.03
N ASP A 239 8.75 -21.59 42.85
CA ASP A 239 8.50 -22.96 42.51
C ASP A 239 7.27 -23.51 43.24
N ILE A 240 6.52 -24.38 42.56
CA ILE A 240 5.43 -25.16 43.17
C ILE A 240 5.30 -26.52 42.49
N ASP A 241 5.67 -27.60 43.20
CA ASP A 241 5.49 -28.98 42.71
C ASP A 241 6.40 -29.29 41.51
N GLY A 242 7.57 -28.65 41.46
CA GLY A 242 8.44 -28.78 40.29
C GLY A 242 8.23 -27.72 39.20
N GLU A 243 7.01 -27.15 39.13
CA GLU A 243 6.69 -26.11 38.14
C GLU A 243 7.08 -24.70 38.61
N THR A 244 7.81 -23.98 37.76
CA THR A 244 8.05 -22.55 38.00
C THR A 244 6.78 -21.73 37.74
N TRP A 245 6.43 -20.88 38.69
CA TRP A 245 5.37 -19.89 38.49
C TRP A 245 5.99 -18.52 38.39
N GLN A 246 5.50 -17.73 37.44
CA GLN A 246 5.87 -16.34 37.34
C GLN A 246 4.70 -15.48 37.75
N LEU A 247 4.90 -14.66 38.75
CA LEU A 247 3.81 -13.91 39.32
C LEU A 247 4.00 -12.47 38.91
N VAL A 248 2.99 -11.89 38.28
CA VAL A 248 3.02 -10.50 37.84
C VAL A 248 1.72 -9.82 38.29
N ASP A 249 1.73 -8.51 38.44
CA ASP A 249 0.59 -7.75 38.96
C ASP A 249 0.41 -6.39 38.27
N PHE A 250 -0.82 -5.92 38.06
CA PHE A 250 -1.00 -4.64 37.40
C PHE A 250 -2.33 -4.03 37.70
N ASN A 251 -2.30 -2.72 38.01
CA ASN A 251 -3.49 -1.95 38.27
C ASN A 251 -3.92 -1.05 37.10
N PHE A 252 -4.98 -1.46 36.40
CA PHE A 252 -5.48 -0.73 35.26
C PHE A 252 -6.35 0.43 35.72
N ILE A 253 -6.14 1.60 35.08
CA ILE A 253 -6.98 2.77 35.29
C ILE A 253 -7.55 3.13 33.95
N LEU A 254 -8.85 3.31 33.91
CA LEU A 254 -9.58 3.60 32.70
C LEU A 254 -9.98 5.03 32.68
N GLN A 255 -10.21 5.53 31.48
CA GLN A 255 -10.50 6.91 31.18
C GLN A 255 -12.02 7.08 30.97
N HIS A 256 -12.62 8.11 31.58
CA HIS A 256 -14.06 8.37 31.42
C HIS A 256 -14.51 8.71 30.01
N ASN A 257 -15.71 8.19 29.67
CA ASN A 257 -16.55 8.53 28.49
C ASN A 257 -17.27 7.41 27.73
N ALA B 2 22.56 -3.14 5.21
CA ALA B 2 21.48 -2.20 4.80
C ALA B 2 22.07 -0.89 4.25
N ASN B 3 21.39 -0.32 3.28
CA ASN B 3 21.80 0.89 2.61
C ASN B 3 21.36 2.18 3.34
N THR B 4 22.31 2.98 3.82
CA THR B 4 21.98 4.17 4.58
C THR B 4 20.76 5.01 4.06
N ARG B 5 20.76 5.35 2.77
CA ARG B 5 19.66 6.13 2.19
C ARG B 5 18.27 5.45 2.29
N VAL B 6 18.17 4.15 1.97
CA VAL B 6 16.93 3.38 2.13
C VAL B 6 16.39 3.52 3.58
N ILE B 7 17.27 3.34 4.57
CA ILE B 7 16.91 3.49 5.97
C ILE B 7 16.38 4.89 6.22
N GLU B 8 17.13 5.91 5.81
CA GLU B 8 16.73 7.30 6.13
C GLU B 8 15.46 7.66 5.35
N LEU B 9 15.30 7.05 4.19
CA LEU B 9 14.06 7.21 3.40
C LEU B 9 12.87 6.55 4.11
N PHE B 10 13.05 5.33 4.61
CA PHE B 10 11.96 4.68 5.33
C PHE B 10 11.54 5.42 6.60
N ASP B 11 12.53 5.78 7.44
CA ASP B 11 12.28 6.50 8.66
C ASP B 11 11.62 7.82 8.36
N GLU B 12 12.04 8.48 7.30
CA GLU B 12 11.38 9.74 6.93
C GLU B 12 9.94 9.56 6.41
N PHE B 13 9.74 8.57 5.55
CA PHE B 13 8.38 8.21 5.07
C PHE B 13 7.40 7.94 6.23
N THR B 14 7.87 7.13 7.15
CA THR B 14 7.23 6.78 8.39
C THR B 14 6.84 8.02 9.25
N ASP B 15 7.78 8.96 9.45
CA ASP B 15 7.45 10.24 10.09
C ASP B 15 6.39 11.06 9.30
N LEU B 16 6.52 11.10 7.97
CA LEU B 16 5.48 11.76 7.16
C LEU B 16 4.10 11.21 7.50
N ILE B 17 3.95 9.89 7.46
CA ILE B 17 2.64 9.27 7.68
C ILE B 17 2.14 9.51 9.09
N ARG B 18 3.03 9.40 10.06
CA ARG B 18 2.66 9.58 11.45
C ARG B 18 2.17 11.00 11.71
N ASP B 19 2.88 11.99 11.17
CA ASP B 19 2.46 13.40 11.24
C ASP B 19 1.16 13.61 10.56
N PHE B 20 1.00 12.99 9.40
CA PHE B 20 -0.27 13.07 8.70
C PHE B 20 -1.41 12.58 9.59
N ILE B 21 -1.18 11.47 10.32
CA ILE B 21 -2.24 10.80 11.10
C ILE B 21 -2.67 11.73 12.28
N VAL B 22 -1.69 12.35 12.93
CA VAL B 22 -1.93 13.30 14.03
C VAL B 22 -2.59 14.56 13.53
N ARG B 23 -1.95 15.21 12.55
CA ARG B 23 -2.40 16.50 12.04
CA ARG B 23 -2.42 16.50 12.03
C ARG B 23 -3.86 16.43 11.58
N HIS B 24 -4.29 15.29 11.01
CA HIS B 24 -5.69 15.15 10.50
C HIS B 24 -6.60 14.28 11.36
N GLU B 25 -6.04 13.78 12.45
CA GLU B 25 -6.75 12.95 13.36
C GLU B 25 -7.42 11.76 12.67
N ILE B 26 -6.62 10.92 12.01
CA ILE B 26 -7.18 9.68 11.46
C ILE B 26 -7.66 8.77 12.62
N THR B 27 -8.94 8.40 12.63
CA THR B 27 -9.51 7.63 13.73
C THR B 27 -9.29 6.13 13.48
N THR B 28 -9.50 5.32 14.52
CA THR B 28 -9.41 3.88 14.41
C THR B 28 -10.29 3.32 13.29
N PRO B 29 -11.55 3.73 13.21
CA PRO B 29 -12.31 3.19 12.09
C PRO B 29 -11.83 3.67 10.73
N GLU B 30 -11.29 4.87 10.64
CA GLU B 30 -10.75 5.36 9.37
C GLU B 30 -9.49 4.58 8.97
N TYR B 31 -8.68 4.24 9.97
CA TYR B 31 -7.47 3.48 9.80
C TYR B 31 -7.82 2.09 9.24
N GLU B 32 -8.85 1.48 9.82
CA GLU B 32 -9.34 0.18 9.41
C GLU B 32 -9.93 0.24 7.98
N THR B 33 -10.58 1.34 7.64
CA THR B 33 -11.13 1.51 6.31
C THR B 33 -10.01 1.57 5.26
N ILE B 34 -8.95 2.30 5.59
CA ILE B 34 -7.78 2.42 4.72
C ILE B 34 -7.10 1.07 4.52
N MET B 35 -6.94 0.33 5.62
CA MET B 35 -6.37 -1.00 5.63
C MET B 35 -7.13 -1.97 4.68
N GLN B 36 -8.45 -2.07 4.85
CA GLN B 36 -9.24 -2.98 4.03
CA GLN B 36 -9.28 -2.95 4.00
C GLN B 36 -9.28 -2.49 2.56
N TYR B 37 -9.14 -1.18 2.34
CA TYR B 37 -9.10 -0.67 0.99
C TYR B 37 -7.77 -1.05 0.31
N MET B 38 -6.66 -0.92 1.03
CA MET B 38 -5.38 -1.36 0.50
C MET B 38 -5.46 -2.86 0.18
N ILE B 39 -6.12 -3.63 1.04
CA ILE B 39 -6.26 -5.06 0.83
C ILE B 39 -7.04 -5.29 -0.46
N SER B 40 -8.10 -4.50 -0.67
CA SER B 40 -8.86 -4.53 -1.93
C SER B 40 -8.08 -4.29 -3.22
N VAL B 41 -7.27 -3.24 -3.25
CA VAL B 41 -6.53 -2.86 -4.43
C VAL B 41 -5.71 -4.06 -4.89
N GLY B 42 -5.06 -4.72 -3.95
CA GLY B 42 -4.23 -5.87 -4.28
C GLY B 42 -5.01 -7.10 -4.73
N GLU B 43 -6.13 -7.34 -4.06
CA GLU B 43 -6.98 -8.47 -4.41
C GLU B 43 -7.53 -8.24 -5.80
N ALA B 44 -7.71 -6.99 -6.20
CA ALA B 44 -8.16 -6.69 -7.57
C ALA B 44 -7.01 -6.68 -8.61
N GLY B 45 -5.79 -6.98 -8.17
CA GLY B 45 -4.60 -6.74 -9.00
C GLY B 45 -4.42 -5.33 -9.57
N GLU B 46 -4.81 -4.30 -8.80
CA GLU B 46 -4.76 -2.93 -9.27
C GLU B 46 -3.61 -2.04 -8.73
N TRP B 47 -2.60 -2.58 -8.05
CA TRP B 47 -1.49 -1.68 -7.62
C TRP B 47 -0.82 -0.93 -8.80
N PRO B 48 -0.55 -1.64 -9.90
CA PRO B 48 0.12 -0.93 -11.00
C PRO B 48 -0.79 0.15 -11.53
N LEU B 49 -2.06 -0.19 -11.76
CA LEU B 49 -3.05 0.80 -12.19
C LEU B 49 -3.16 1.98 -11.24
N TRP B 50 -3.09 1.71 -9.94
CA TRP B 50 -3.43 2.71 -8.91
C TRP B 50 -2.25 3.66 -8.70
N LEU B 51 -1.10 3.08 -8.43
CA LEU B 51 0.13 3.85 -8.26
C LEU B 51 0.48 4.59 -9.57
N ASP B 52 0.33 3.95 -10.71
CA ASP B 52 0.59 4.69 -11.97
C ASP B 52 -0.30 5.94 -12.10
N ALA B 53 -1.57 5.80 -11.73
CA ALA B 53 -2.53 6.89 -11.83
C ALA B 53 -2.12 8.12 -11.04
N PHE B 54 -1.59 7.90 -9.83
CA PHE B 54 -1.32 8.97 -8.86
C PHE B 54 0.12 9.40 -8.73
N PHE B 55 1.09 8.51 -9.02
CA PHE B 55 2.48 8.83 -8.65
C PHE B 55 3.51 8.68 -9.74
N GLU B 56 3.18 7.91 -10.77
CA GLU B 56 4.14 7.68 -11.85
C GLU B 56 4.55 8.97 -12.61
N THR B 57 3.72 9.99 -12.68
CA THR B 57 4.16 11.18 -13.36
C THR B 57 5.34 11.80 -12.62
N THR B 58 5.17 11.89 -11.29
CA THR B 58 6.23 12.45 -10.44
C THR B 58 7.50 11.63 -10.53
N VAL B 59 7.36 10.30 -10.48
CA VAL B 59 8.53 9.44 -10.64
C VAL B 59 9.23 9.71 -11.99
N ASP B 60 8.43 9.84 -13.06
CA ASP B 60 8.94 10.16 -14.38
C ASP B 60 9.75 11.47 -14.39
N SER B 61 9.18 12.52 -13.79
CA SER B 61 9.82 13.84 -13.73
C SER B 61 11.17 13.78 -13.02
N VAL B 62 11.28 12.97 -11.95
CA VAL B 62 12.55 12.75 -11.29
C VAL B 62 13.54 12.06 -12.21
N SER B 63 13.07 10.96 -12.82
CA SER B 63 13.92 10.04 -13.54
C SER B 63 14.43 10.62 -14.87
N TYR B 64 13.56 11.29 -15.61
CA TYR B 64 13.92 11.71 -16.96
C TYR B 64 14.21 13.20 -17.00
N GLY B 65 13.57 13.96 -16.13
CA GLY B 65 13.86 15.37 -16.04
C GLY B 65 13.08 16.19 -17.05
N LYS B 66 13.61 17.37 -17.34
CA LYS B 66 12.97 18.38 -18.19
C LYS B 66 14.05 19.20 -18.89
N GLY B 67 14.00 19.21 -20.22
CA GLY B 67 14.95 19.95 -21.03
C GLY B 67 14.33 20.20 -22.40
N ASN B 68 15.19 20.43 -23.40
CA ASN B 68 14.73 20.64 -24.77
C ASN B 68 14.41 19.35 -25.57
N TRP B 69 14.64 18.20 -24.96
CA TRP B 69 14.15 16.94 -25.48
C TRP B 69 12.65 16.78 -25.17
N THR B 70 12.06 15.72 -25.70
CA THR B 70 10.61 15.51 -25.59
C THR B 70 10.18 15.22 -24.16
N SER B 71 9.04 15.80 -23.79
CA SER B 71 8.43 15.57 -22.51
C SER B 71 8.08 14.09 -22.34
N SER B 72 8.38 13.55 -21.15
CA SER B 72 7.85 12.28 -20.69
C SER B 72 6.37 12.32 -20.39
N ALA B 73 5.75 11.16 -20.46
CA ALA B 73 4.43 10.92 -19.90
C ALA B 73 4.43 9.43 -19.43
N ILE B 74 3.56 9.08 -18.48
CA ILE B 74 3.65 7.77 -17.81
C ILE B 74 3.61 6.57 -18.76
N GLN B 75 4.29 5.49 -18.42
CA GLN B 75 4.07 4.23 -19.13
C GLN B 75 2.67 3.66 -18.89
N GLY B 76 2.16 3.77 -17.67
CA GLY B 76 0.95 3.04 -17.27
C GLY B 76 1.18 1.55 -17.24
N PRO B 77 0.09 0.77 -17.02
CA PRO B 77 0.19 -0.66 -16.77
C PRO B 77 0.01 -1.54 -17.99
N PHE B 78 -0.22 -0.92 -19.15
CA PHE B 78 -0.67 -1.71 -20.30
C PHE B 78 0.41 -1.99 -21.36
N PHE B 79 1.68 -1.67 -21.11
CA PHE B 79 2.70 -1.99 -22.08
C PHE B 79 2.95 -3.49 -22.18
N LYS B 80 3.42 -3.94 -23.35
CA LYS B 80 3.73 -5.35 -23.56
C LYS B 80 4.97 -5.46 -24.45
N GLU B 81 5.99 -6.14 -23.92
CA GLU B 81 7.23 -6.46 -24.65
C GLU B 81 6.90 -7.41 -25.80
N GLY B 82 7.79 -7.39 -26.80
CA GLY B 82 7.73 -8.36 -27.89
C GLY B 82 6.79 -8.08 -29.05
N ALA B 83 6.34 -6.83 -29.17
CA ALA B 83 5.44 -6.43 -30.27
C ALA B 83 6.14 -6.58 -31.62
N PRO B 84 5.39 -6.85 -32.69
CA PRO B 84 6.12 -7.15 -33.94
C PRO B 84 6.76 -5.92 -34.61
N LEU B 85 7.91 -6.12 -35.24
CA LEU B 85 8.50 -5.11 -36.12
C LEU B 85 7.61 -4.94 -37.31
N LEU B 86 7.21 -3.70 -37.57
CA LEU B 86 6.44 -3.40 -38.76
C LEU B 86 7.34 -2.80 -39.83
N THR B 87 7.28 -3.34 -41.04
CA THR B 87 8.10 -2.87 -42.14
C THR B 87 7.35 -2.74 -43.46
N GLY B 88 6.03 -2.70 -43.42
CA GLY B 88 5.26 -2.51 -44.63
C GLY B 88 5.41 -1.15 -45.25
N LYS B 89 4.57 -0.85 -46.24
CA LYS B 89 4.60 0.46 -46.87
C LYS B 89 3.22 1.06 -46.90
N PRO B 90 2.86 1.80 -45.87
CA PRO B 90 3.73 2.01 -44.72
C PRO B 90 3.40 1.04 -43.59
N ALA B 91 4.07 1.20 -42.48
CA ALA B 91 3.84 0.37 -41.32
C ALA B 91 2.41 0.54 -40.87
N THR B 92 1.70 -0.57 -40.74
CA THR B 92 0.34 -0.52 -40.22
C THR B 92 0.28 -1.37 -38.95
N LEU B 93 -0.15 -0.81 -37.82
CA LEU B 93 -0.35 -1.63 -36.63
C LEU B 93 -1.34 -2.75 -36.95
N PRO B 94 -1.15 -3.92 -36.31
CA PRO B 94 -2.01 -5.08 -36.50
C PRO B 94 -3.40 -4.75 -36.03
N MET B 95 -4.39 -5.12 -36.80
CA MET B 95 -5.73 -4.77 -36.40
C MET B 95 -6.69 -5.71 -37.09
N ARG B 96 -7.92 -5.76 -36.59
CA ARG B 96 -8.92 -6.65 -37.16
C ARG B 96 -9.38 -6.06 -38.47
N ALA B 97 -9.94 -6.90 -39.34
CA ALA B 97 -10.58 -6.43 -40.56
C ALA B 97 -11.67 -5.50 -40.10
N ASP B 98 -11.79 -4.38 -40.79
CA ASP B 98 -12.79 -3.37 -40.47
C ASP B 98 -12.72 -2.89 -38.99
N GLU B 99 -11.51 -2.93 -38.39
CA GLU B 99 -11.23 -2.32 -37.07
C GLU B 99 -11.96 -0.98 -36.98
N PRO B 100 -12.87 -0.84 -36.00
CA PRO B 100 -13.66 0.38 -35.86
C PRO B 100 -12.83 1.61 -35.50
N GLY B 101 -13.34 2.77 -35.93
CA GLY B 101 -12.75 4.07 -35.67
C GLY B 101 -12.23 4.74 -36.94
N ASP B 102 -11.89 6.02 -36.83
CA ASP B 102 -11.35 6.75 -37.97
C ASP B 102 -9.95 6.22 -38.21
N ARG B 103 -9.51 6.26 -39.46
CA ARG B 103 -8.18 5.81 -39.78
C ARG B 103 -7.27 6.91 -39.34
N MET B 104 -6.08 6.55 -38.89
CA MET B 104 -5.14 7.56 -38.45
C MET B 104 -3.78 7.34 -39.05
N ARG B 105 -3.15 8.42 -39.49
CA ARG B 105 -1.79 8.36 -40.04
C ARG B 105 -0.93 9.24 -39.19
N PHE B 106 0.09 8.63 -38.64
CA PHE B 106 1.00 9.40 -37.84
C PHE B 106 2.28 9.57 -38.64
N THR B 107 2.83 10.77 -38.61
CA THR B 107 4.15 11.00 -39.21
C THR B 107 5.04 11.74 -38.22
N GLY B 108 6.36 11.66 -38.37
CA GLY B 108 7.23 12.45 -37.54
C GLY B 108 8.67 12.13 -37.76
N SER B 109 9.51 12.33 -36.73
CA SER B 109 10.94 12.06 -36.80
C SER B 109 11.55 11.75 -35.43
N VAL B 110 12.69 11.07 -35.44
CA VAL B 110 13.46 10.86 -34.25
C VAL B 110 14.83 11.53 -34.43
N ARG B 111 15.06 12.62 -33.67
CA ARG B 111 16.37 13.27 -33.70
C ARG B 111 16.95 13.52 -32.32
N ASP B 112 18.28 13.70 -32.27
CA ASP B 112 18.94 14.25 -31.07
C ASP B 112 18.68 15.77 -30.93
N THR B 113 19.27 16.41 -29.91
CA THR B 113 19.06 17.87 -29.68
C THR B 113 19.85 18.79 -30.62
N SER B 114 20.74 18.21 -31.40
CA SER B 114 21.51 18.94 -32.39
C SER B 114 20.93 18.72 -33.81
N GLY B 115 19.76 18.07 -33.88
CA GLY B 115 19.01 17.92 -35.12
C GLY B 115 19.35 16.68 -35.91
N THR B 116 20.26 15.85 -35.42
CA THR B 116 20.71 14.76 -36.27
C THR B 116 19.88 13.47 -36.05
N PRO B 117 19.61 12.71 -37.13
CA PRO B 117 18.60 11.65 -37.04
C PRO B 117 19.11 10.46 -36.25
N ILE B 118 18.22 9.82 -35.50
CA ILE B 118 18.64 8.73 -34.65
C ILE B 118 18.24 7.42 -35.32
N THR B 119 19.17 6.90 -36.12
CA THR B 119 18.90 5.74 -36.94
C THR B 119 18.81 4.45 -36.15
N GLY B 120 19.52 4.38 -35.02
CA GLY B 120 19.45 3.20 -34.16
C GLY B 120 18.19 3.04 -33.30
N ALA B 121 17.20 3.93 -33.46
CA ALA B 121 16.00 3.90 -32.60
C ALA B 121 14.99 2.83 -33.00
N VAL B 122 14.31 2.26 -31.99
CA VAL B 122 13.06 1.55 -32.18
C VAL B 122 11.97 2.25 -31.40
N ILE B 123 10.82 2.44 -32.06
CA ILE B 123 9.67 3.04 -31.47
C ILE B 123 8.60 1.98 -31.27
N ASP B 124 8.29 1.65 -30.01
CA ASP B 124 7.07 0.88 -29.69
C ASP B 124 5.88 1.82 -29.59
N VAL B 125 4.75 1.35 -30.10
CA VAL B 125 3.48 2.05 -30.08
C VAL B 125 2.45 1.09 -29.57
N TRP B 126 1.55 1.56 -28.70
CA TRP B 126 0.39 0.78 -28.32
C TRP B 126 -0.63 1.76 -27.90
N HIS B 127 -1.90 1.40 -28.08
CA HIS B 127 -3.03 2.23 -27.69
C HIS B 127 -4.26 1.31 -27.72
N SER B 128 -5.39 1.77 -27.19
CA SER B 128 -6.59 0.98 -27.05
C SER B 128 -7.45 1.05 -28.30
N THR B 129 -8.46 0.18 -28.37
CA THR B 129 -9.41 0.15 -29.45
C THR B 129 -10.44 1.28 -29.35
N ASN B 130 -11.32 1.36 -30.35
CA ASN B 130 -12.43 2.33 -30.36
C ASN B 130 -13.35 2.12 -29.17
N ASP B 131 -13.36 0.90 -28.60
CA ASP B 131 -14.20 0.53 -27.42
C ASP B 131 -13.52 0.67 -26.09
N GLY B 132 -12.32 1.22 -26.08
CA GLY B 132 -11.55 1.36 -24.88
C GLY B 132 -11.03 0.05 -24.32
N ASN B 133 -10.53 -0.82 -25.20
CA ASN B 133 -9.91 -2.06 -24.77
C ASN B 133 -8.48 -2.15 -25.23
N TYR B 134 -7.63 -2.68 -24.37
CA TYR B 134 -6.23 -2.95 -24.70
C TYR B 134 -6.07 -4.44 -24.88
N SER B 135 -5.39 -4.86 -25.94
CA SER B 135 -5.14 -6.30 -26.16
C SER B 135 -4.21 -6.85 -25.08
N PHE B 136 -4.42 -8.11 -24.72
CA PHE B 136 -3.78 -8.77 -23.55
C PHE B 136 -4.33 -8.30 -22.17
N PHE B 137 -5.27 -7.36 -22.17
CA PHE B 137 -5.86 -6.85 -20.92
C PHE B 137 -7.37 -6.72 -21.07
N SER B 138 -7.99 -7.62 -21.80
CA SER B 138 -9.43 -7.58 -21.95
C SER B 138 -9.94 -8.90 -22.49
N PRO B 139 -11.04 -9.42 -21.92
CA PRO B 139 -11.55 -10.71 -22.41
C PRO B 139 -12.32 -10.57 -23.72
N ALA B 140 -12.64 -9.31 -24.07
CA ALA B 140 -13.33 -8.93 -25.31
C ALA B 140 -12.38 -8.88 -26.52
N LEU B 141 -11.08 -9.08 -26.25
CA LEU B 141 -10.05 -9.18 -27.26
C LEU B 141 -9.21 -10.45 -27.07
N PRO B 142 -8.67 -11.00 -28.16
CA PRO B 142 -7.80 -12.14 -27.96
C PRO B 142 -6.44 -11.69 -27.39
N ASP B 143 -5.66 -12.62 -26.81
CA ASP B 143 -4.35 -12.29 -26.31
C ASP B 143 -3.32 -12.32 -27.45
N GLN B 144 -3.48 -11.38 -28.38
CA GLN B 144 -2.61 -11.19 -29.54
C GLN B 144 -2.21 -9.70 -29.68
N TYR B 145 -1.11 -9.44 -30.39
CA TYR B 145 -0.64 -8.08 -30.61
C TYR B 145 -1.53 -7.24 -31.56
N LEU B 146 -2.71 -6.85 -31.08
CA LEU B 146 -3.57 -5.91 -31.77
C LEU B 146 -3.32 -4.48 -31.27
N LEU B 147 -3.24 -3.54 -32.23
CA LEU B 147 -2.91 -2.11 -31.95
C LEU B 147 -1.64 -1.95 -31.13
N ARG B 148 -0.62 -2.75 -31.42
CA ARG B 148 0.68 -2.74 -30.77
C ARG B 148 1.71 -3.08 -31.83
N GLY B 149 2.83 -2.38 -31.88
CA GLY B 149 3.82 -2.63 -32.93
C GLY B 149 5.08 -1.81 -32.73
N ARG B 150 6.18 -2.25 -33.35
CA ARG B 150 7.41 -1.47 -33.37
C ARG B 150 7.73 -0.92 -34.76
N VAL B 151 8.13 0.35 -34.83
CA VAL B 151 8.57 0.93 -36.07
C VAL B 151 9.96 1.46 -35.88
N VAL B 152 10.63 1.66 -37.00
CA VAL B 152 12.03 2.00 -37.04
C VAL B 152 12.14 3.16 -38.00
N PRO B 153 12.91 4.21 -37.62
CA PRO B 153 12.97 5.36 -38.48
C PRO B 153 13.67 5.03 -39.78
N ALA B 154 13.29 5.77 -40.82
CA ALA B 154 14.04 5.83 -42.06
C ALA B 154 15.43 6.41 -41.77
N GLU B 155 16.35 6.24 -42.70
CA GLU B 155 17.71 6.69 -42.47
C GLU B 155 17.80 8.22 -42.26
N ASP B 156 16.88 8.97 -42.84
CA ASP B 156 16.77 10.40 -42.57
C ASP B 156 16.04 10.73 -41.26
N GLY B 157 15.74 9.73 -40.44
CA GLY B 157 15.10 9.95 -39.13
C GLY B 157 13.57 10.01 -39.11
N SER B 158 12.94 10.03 -40.30
CA SER B 158 11.48 10.16 -40.37
C SER B 158 10.75 8.85 -40.05
N ILE B 159 9.52 8.95 -39.61
CA ILE B 159 8.75 7.77 -39.31
C ILE B 159 7.29 7.92 -39.70
N GLU B 160 6.61 6.80 -39.92
CA GLU B 160 5.20 6.83 -40.30
C GLU B 160 4.62 5.50 -39.90
N PHE B 161 3.41 5.52 -39.39
CA PHE B 161 2.62 4.30 -39.26
C PHE B 161 1.17 4.68 -39.41
N HIS B 162 0.33 3.70 -39.69
CA HIS B 162 -1.11 3.90 -39.79
C HIS B 162 -1.74 3.07 -38.71
N SER B 163 -2.89 3.51 -38.23
CA SER B 163 -3.62 2.82 -37.20
C SER B 163 -5.05 3.28 -37.27
N ILE B 164 -5.82 3.09 -36.19
CA ILE B 164 -7.11 3.78 -36.01
C ILE B 164 -6.98 4.82 -34.90
N ARG B 165 -7.89 5.79 -34.81
CA ARG B 165 -7.75 6.85 -33.83
C ARG B 165 -8.13 6.43 -32.41
N PRO B 166 -7.19 6.50 -31.46
CA PRO B 166 -7.58 6.13 -30.09
C PRO B 166 -8.71 7.05 -29.62
N VAL B 167 -9.52 6.58 -28.65
CA VAL B 167 -10.55 7.40 -27.99
C VAL B 167 -10.37 7.38 -26.47
N PRO B 168 -11.05 8.30 -25.73
CA PRO B 168 -11.00 8.32 -24.26
C PRO B 168 -11.14 6.93 -23.65
N TYR B 169 -10.41 6.70 -22.56
CA TYR B 169 -10.33 5.37 -21.94
C TYR B 169 -10.84 5.52 -20.51
N GLU B 170 -11.80 4.67 -20.13
CA GLU B 170 -12.33 4.70 -18.78
C GLU B 170 -11.72 3.62 -17.89
N ILE B 171 -11.10 4.04 -16.80
CA ILE B 171 -10.76 3.09 -15.74
C ILE B 171 -12.09 2.54 -15.18
N PRO B 172 -12.22 1.21 -15.09
CA PRO B 172 -13.49 0.60 -14.65
C PRO B 172 -14.05 1.24 -13.38
N LYS B 173 -15.34 1.59 -13.42
CA LYS B 173 -16.05 2.20 -12.31
C LYS B 173 -16.10 1.30 -11.07
N ALA B 174 -16.23 0.00 -11.30
CA ALA B 174 -16.58 -0.92 -10.24
C ALA B 174 -15.40 -1.34 -9.34
N GLY B 175 -14.18 -1.29 -9.90
CA GLY B 175 -12.99 -1.62 -9.13
C GLY B 175 -12.62 -0.61 -8.06
N PRO B 176 -11.68 -0.98 -7.16
CA PRO B 176 -11.21 -0.08 -6.09
C PRO B 176 -10.62 1.20 -6.63
N THR B 177 -9.91 1.17 -7.75
CA THR B 177 -9.41 2.44 -8.31
C THR B 177 -10.56 3.30 -8.83
N GLY B 178 -11.45 2.72 -9.62
CA GLY B 178 -12.67 3.41 -10.09
C GLY B 178 -13.61 3.93 -8.97
N GLN B 179 -13.75 3.12 -7.92
CA GLN B 179 -14.55 3.52 -6.74
C GLN B 179 -13.98 4.78 -6.10
N LEU B 180 -12.67 4.83 -5.90
CA LEU B 180 -12.10 6.00 -5.22
C LEU B 180 -12.30 7.21 -6.10
N MET B 181 -12.10 7.02 -7.41
CA MET B 181 -12.13 8.09 -8.41
C MET B 181 -13.55 8.62 -8.66
N ASN B 182 -14.49 7.73 -8.89
CA ASN B 182 -15.88 8.11 -9.19
C ASN B 182 -16.65 8.37 -7.90
N SER B 183 -16.66 7.36 -7.04
CA SER B 183 -17.54 7.40 -5.91
C SER B 183 -17.01 8.24 -4.74
N TYR B 184 -15.86 7.90 -4.15
CA TYR B 184 -15.38 8.62 -2.95
C TYR B 184 -14.88 10.02 -3.24
N LEU B 185 -14.19 10.23 -4.37
CA LEU B 185 -13.68 11.56 -4.72
C LEU B 185 -14.73 12.42 -5.50
N GLY B 186 -15.72 11.77 -6.10
CA GLY B 186 -16.76 12.44 -6.92
C GLY B 186 -16.20 13.08 -8.18
N ARG B 187 -15.36 12.31 -8.87
CA ARG B 187 -14.76 12.79 -10.09
C ARG B 187 -15.08 11.79 -11.15
N HIS B 188 -14.13 11.51 -12.02
CA HIS B 188 -14.36 10.51 -13.04
C HIS B 188 -13.08 9.66 -13.12
N SER B 189 -13.15 8.54 -13.83
CA SER B 189 -11.98 7.70 -14.03
C SER B 189 -11.58 7.66 -15.52
N TRP B 190 -11.86 8.75 -16.23
CA TRP B 190 -11.55 8.86 -17.68
C TRP B 190 -10.15 9.37 -17.86
N ARG B 191 -9.48 8.82 -18.87
CA ARG B 191 -8.27 9.45 -19.44
C ARG B 191 -8.65 9.99 -20.82
N PRO B 192 -8.02 11.10 -21.25
CA PRO B 192 -8.13 11.48 -22.65
C PRO B 192 -7.44 10.45 -23.56
N ALA B 193 -7.86 10.48 -24.82
CA ALA B 193 -7.38 9.58 -25.86
C ALA B 193 -5.89 9.78 -26.02
N HIS B 194 -5.14 8.69 -26.16
CA HIS B 194 -3.69 8.85 -26.27
C HIS B 194 -3.07 7.70 -27.05
N ILE B 195 -1.87 7.95 -27.54
CA ILE B 195 -1.06 6.94 -28.14
C ILE B 195 0.17 6.81 -27.27
N HIS B 196 0.49 5.58 -26.86
CA HIS B 196 1.68 5.36 -26.04
C HIS B 196 2.89 5.20 -26.96
N ILE B 197 3.98 5.88 -26.63
CA ILE B 197 5.21 5.74 -27.37
C ILE B 197 6.35 5.36 -26.41
N ARG B 198 7.13 4.34 -26.77
CA ARG B 198 8.40 4.12 -26.09
C ARG B 198 9.51 4.07 -27.12
N ILE B 199 10.52 4.93 -26.96
CA ILE B 199 11.68 4.93 -27.87
C ILE B 199 13.00 4.61 -27.17
N THR B 200 13.72 3.61 -27.65
CA THR B 200 15.05 3.30 -27.16
C THR B 200 16.06 3.40 -28.28
N ALA B 201 17.29 3.73 -27.92
CA ALA B 201 18.39 3.81 -28.88
C ALA B 201 19.71 3.71 -28.15
N ASP B 202 20.65 2.93 -28.70
CA ASP B 202 21.97 2.86 -28.09
C ASP B 202 22.55 4.25 -27.97
N GLY B 203 23.04 4.58 -26.77
CA GLY B 203 23.72 5.85 -26.50
C GLY B 203 22.76 6.97 -26.14
N TYR B 204 21.48 6.64 -25.96
CA TYR B 204 20.46 7.59 -25.58
C TYR B 204 19.60 7.04 -24.48
N ARG B 205 19.04 7.95 -23.70
CA ARG B 205 18.09 7.62 -22.67
C ARG B 205 16.74 7.29 -23.30
N PRO B 206 16.02 6.30 -22.73
CA PRO B 206 14.66 6.00 -23.18
C PRO B 206 13.71 7.16 -23.02
N LEU B 207 12.81 7.29 -23.99
CA LEU B 207 11.70 8.20 -23.92
C LEU B 207 10.42 7.37 -23.78
N ILE B 208 9.65 7.66 -22.73
CA ILE B 208 8.32 7.12 -22.59
C ILE B 208 7.43 8.30 -22.52
N THR B 209 6.44 8.31 -23.40
CA THR B 209 5.60 9.47 -23.48
C THR B 209 4.28 9.07 -24.09
N GLN B 210 3.38 10.05 -24.20
CA GLN B 210 2.08 9.83 -24.75
C GLN B 210 1.73 11.00 -25.67
N LEU B 211 0.95 10.72 -26.71
CA LEU B 211 0.45 11.80 -27.57
C LEU B 211 -1.05 11.93 -27.40
N TYR B 212 -1.53 13.15 -27.20
CA TYR B 212 -2.95 13.44 -26.99
C TYR B 212 -3.47 14.21 -28.20
N PHE B 213 -4.78 14.41 -28.28
CA PHE B 213 -5.43 15.08 -29.42
C PHE B 213 -6.23 16.32 -28.99
N GLU B 214 -5.95 17.45 -29.66
CA GLU B 214 -6.72 18.72 -29.50
C GLU B 214 -8.22 18.56 -29.40
N GLY B 215 -8.82 19.34 -28.51
CA GLY B 215 -10.28 19.29 -28.37
C GLY B 215 -10.86 18.13 -27.56
N ASP B 216 -10.03 17.15 -27.17
CA ASP B 216 -10.48 16.04 -26.30
C ASP B 216 -11.12 16.65 -25.05
N PRO B 217 -12.26 16.14 -24.62
CA PRO B 217 -12.88 16.75 -23.42
C PRO B 217 -12.20 16.46 -22.05
N TYR B 218 -11.14 15.64 -22.03
CA TYR B 218 -10.52 15.35 -20.74
C TYR B 218 -9.10 15.81 -20.71
N LEU B 219 -8.72 16.69 -21.62
CA LEU B 219 -7.35 17.20 -21.60
C LEU B 219 -7.09 17.94 -20.30
N ASP B 220 -8.14 18.58 -19.76
CA ASP B 220 -7.99 19.37 -18.51
C ASP B 220 -8.37 18.63 -17.23
N SER B 221 -8.74 17.35 -17.36
CA SER B 221 -9.13 16.56 -16.21
C SER B 221 -8.72 15.09 -16.34
N ASP B 222 -7.48 14.83 -16.72
CA ASP B 222 -6.95 13.49 -16.85
C ASP B 222 -6.96 12.85 -15.45
N SER B 223 -7.60 11.69 -15.32
CA SER B 223 -7.63 11.01 -14.04
C SER B 223 -6.22 10.54 -13.63
N CYS B 224 -5.25 10.64 -14.54
CA CYS B 224 -3.87 10.22 -14.23
C CYS B 224 -2.88 11.36 -14.28
N SER B 225 -3.39 12.56 -14.57
CA SER B 225 -2.60 13.81 -14.49
C SER B 225 -1.37 13.79 -15.38
N ALA B 226 -1.46 13.17 -16.56
CA ALA B 226 -0.25 13.00 -17.39
C ALA B 226 -0.26 13.75 -18.72
N VAL B 227 -1.23 14.65 -18.90
CA VAL B 227 -1.25 15.54 -20.07
C VAL B 227 -0.27 16.70 -19.88
N LYS B 228 0.54 16.96 -20.90
CA LYS B 228 1.38 18.17 -21.01
C LYS B 228 1.12 18.82 -22.37
N SER B 229 0.94 20.14 -22.38
CA SER B 229 0.46 20.81 -23.59
C SER B 229 1.36 20.59 -24.84
N GLU B 230 2.66 20.35 -24.63
CA GLU B 230 3.61 20.01 -25.70
C GLU B 230 3.24 18.72 -26.46
N LEU B 231 2.50 17.85 -25.79
CA LEU B 231 2.17 16.52 -26.32
C LEU B 231 0.74 16.47 -26.82
N VAL B 232 0.06 17.61 -26.81
CA VAL B 232 -1.29 17.67 -27.38
C VAL B 232 -1.13 17.96 -28.89
N LEU B 233 -1.65 17.06 -29.72
CA LEU B 233 -1.46 17.12 -31.17
C LEU B 233 -2.62 17.77 -31.90
N PRO B 234 -2.32 18.75 -32.79
CA PRO B 234 -3.35 19.25 -33.76
C PRO B 234 -3.76 18.12 -34.71
N VAL B 235 -5.04 18.02 -34.99
CA VAL B 235 -5.53 17.00 -35.89
C VAL B 235 -6.00 17.64 -37.19
N ASN B 236 -5.45 17.17 -38.32
CA ASN B 236 -5.96 17.48 -39.65
C ASN B 236 -6.86 16.36 -40.14
N LYS B 237 -8.16 16.56 -40.08
CA LYS B 237 -9.15 15.55 -40.46
C LYS B 237 -9.60 15.73 -41.90
N ILE B 238 -9.50 14.68 -42.72
CA ILE B 238 -9.85 14.69 -44.16
C ILE B 238 -10.56 13.41 -44.62
N ASP B 239 -11.41 13.52 -45.62
CA ASP B 239 -12.07 12.34 -46.18
C ASP B 239 -11.24 11.76 -47.30
N ILE B 240 -11.12 10.42 -47.33
CA ILE B 240 -10.52 9.72 -48.47
C ILE B 240 -11.33 8.48 -48.86
N ASP B 241 -11.84 8.50 -50.10
CA ASP B 241 -12.68 7.43 -50.62
C ASP B 241 -13.70 6.96 -49.55
N GLY B 242 -14.49 7.90 -49.04
CA GLY B 242 -15.53 7.59 -48.06
C GLY B 242 -15.15 7.58 -46.57
N GLU B 243 -13.91 7.21 -46.26
CA GLU B 243 -13.40 7.13 -44.87
C GLU B 243 -12.68 8.40 -44.39
N THR B 244 -13.06 8.89 -43.22
CA THR B 244 -12.32 9.93 -42.48
C THR B 244 -10.90 9.45 -42.04
N TRP B 245 -9.86 10.16 -42.47
CA TRP B 245 -8.51 9.98 -41.95
C TRP B 245 -8.18 11.12 -41.01
N GLN B 246 -7.53 10.81 -39.89
CA GLN B 246 -7.02 11.85 -39.02
C GLN B 246 -5.50 11.86 -39.12
N LEU B 247 -4.94 13.00 -39.49
CA LEU B 247 -3.49 13.09 -39.67
C LEU B 247 -2.88 13.85 -38.49
N VAL B 248 -1.82 13.27 -37.94
CA VAL B 248 -1.16 13.85 -36.80
C VAL B 248 0.31 13.69 -37.00
N ASP B 249 1.09 14.65 -36.48
CA ASP B 249 2.53 14.70 -36.69
C ASP B 249 3.31 15.03 -35.41
N PHE B 250 4.48 14.44 -35.23
CA PHE B 250 5.30 14.80 -34.09
C PHE B 250 6.76 14.51 -34.25
N ASN B 251 7.58 15.48 -33.81
CA ASN B 251 9.02 15.34 -33.92
C ASN B 251 9.65 14.99 -32.54
N PHE B 252 10.00 13.71 -32.36
CA PHE B 252 10.59 13.23 -31.13
C PHE B 252 12.04 13.64 -31.04
N ILE B 253 12.47 14.02 -29.84
CA ILE B 253 13.86 14.39 -29.58
C ILE B 253 14.39 13.65 -28.36
N LEU B 254 15.53 13.00 -28.49
CA LEU B 254 16.08 12.23 -27.39
C LEU B 254 17.31 12.92 -26.78
N GLN B 255 17.52 12.70 -25.48
CA GLN B 255 18.75 13.14 -24.83
C GLN B 255 19.82 12.03 -24.84
N HIS B 256 21.06 12.44 -25.09
CA HIS B 256 22.21 11.55 -25.01
C HIS B 256 22.32 10.94 -23.61
N ASN B 257 22.90 9.74 -23.57
CA ASN B 257 23.34 9.04 -22.37
C ASN B 257 24.30 9.88 -21.52
FE FE C . 1.16 -9.85 20.05
C38 MYY D . -0.59 4.20 4.79
C37 MYY D . 0.24 4.07 3.53
C36 MYY D . 1.37 3.09 3.70
C35 MYY D . 1.90 2.70 2.31
C34 MYY D . 3.02 1.68 2.38
C33 MYY D . 4.11 1.94 1.33
C32 MYY D . 5.01 0.72 1.20
C31 MYY D . 6.44 1.08 1.53
C30 MYY D . 7.33 0.14 0.75
C29 MYY D . 8.73 0.12 1.33
C28 MYY D . 9.44 -1.12 0.87
C27 MYY D . 10.82 -0.80 0.35
C26 MYY D . 11.16 -1.74 -0.79
C25 MYY D . 12.29 -2.67 -0.41
C24 MYY D . 13.65 -1.99 -0.55
C23 MYY D . 14.67 -2.98 -1.11
O10 MYY D . 14.31 -4.07 -1.59
O8 MYY D . 16.11 -2.65 -1.08
C6 MYY D . 16.37 -1.41 -1.79
C5 MYY D . 16.45 -1.55 -3.33
C4 MYY D . 17.90 -1.75 -3.80
O6 MYY D . 17.90 -2.59 -4.97
P MYY D . 16.65 -3.63 -4.92
O7 MYY D . 15.86 -0.46 -4.10
C7 MYY D . 15.40 0.69 -3.33
O9 MYY D . 16.23 1.40 -2.80
C8 MYY D . 13.93 1.02 -3.24
C9 MYY D . 13.74 2.32 -2.45
C10 MYY D . 13.26 2.01 -1.03
C11 MYY D . 12.59 3.23 -0.42
C12 MYY D . 11.66 2.83 0.73
C13 MYY D . 11.10 4.10 1.39
C14 MYY D . 9.59 4.11 1.32
C15 MYY D . 9.11 5.39 0.63
C16 MYY D . 7.90 5.12 -0.23
C17 MYY D . 7.58 6.32 -1.10
C18 MYY D . 6.32 6.06 -1.95
C19 MYY D . 6.59 6.22 -3.44
C20 MYY D . 5.38 5.77 -4.27
C38 MYY E . 3.13 5.20 -1.06
C37 MYY E . 1.93 4.39 -1.49
C36 MYY E . 0.65 5.09 -1.05
C35 MYY E . -0.44 4.07 -0.81
C34 MYY E . -1.63 4.72 -0.12
C33 MYY E . -2.90 3.94 -0.31
C32 MYY E . -3.93 4.42 0.69
C31 MYY E . -5.02 5.25 0.04
C30 MYY E . -6.33 5.06 0.80
C29 MYY E . -7.52 5.47 -0.04
C28 MYY E . -8.69 5.83 0.88
C27 MYY E . -9.83 4.83 0.80
C26 MYY E . -11.18 5.53 0.94
C25 MYY E . -12.22 4.58 1.51
C24 MYY E . -13.63 5.16 1.43
C23 MYY E . -14.64 4.08 1.81
O10 MYY E . -14.43 2.90 1.52
O8 MYY E . -15.87 4.44 2.55
C6 MYY E . -15.84 3.84 3.90
C5 MYY E . -15.93 4.84 5.08
C4 MYY E . -17.26 4.65 5.82
O7 MYY E . -15.82 6.22 4.62
C7 MYY E . -14.89 7.06 5.41
O9 MYY E . -15.33 8.12 5.86
C8 MYY E . -13.44 6.67 5.61
C9 MYY E . -12.52 7.87 5.37
C10 MYY E . -11.05 7.43 5.37
C11 MYY E . -10.09 8.59 5.14
C12 MYY E . -9.34 8.45 3.81
C13 MYY E . -8.11 9.36 3.74
C14 MYY E . -7.16 8.95 2.61
C15 MYY E . -5.77 9.55 2.77
C16 MYY E . -4.71 8.49 3.05
C17 MYY E . -4.27 8.51 4.51
C18 MYY E . -2.98 7.73 4.74
C19 MYY E . -2.64 7.68 6.22
C20 MYY E . -2.72 6.25 6.78
C1 DHB F . 2.47 -7.36 15.64
C2 DHB F . 1.48 -7.39 16.61
C3 DHB F . 1.55 -8.32 17.62
O3 DHB F . 0.65 -8.45 18.62
C4 DHB F . 2.66 -9.27 17.66
O4 DHB F . 2.63 -10.14 18.71
C5 DHB F . 3.63 -9.25 16.67
C6 DHB F . 3.53 -8.28 15.64
C DHB F . 2.36 -6.40 14.51
O1 DHB F . 3.08 -6.58 13.50
O2 DHB F . 1.51 -5.49 14.55
C1 GOL G . -7.89 -3.19 14.58
O1 GOL G . -7.65 -1.79 14.45
C2 GOL G . -6.64 -4.03 14.33
O2 GOL G . -5.59 -3.77 15.23
C3 GOL G . -6.12 -3.81 12.92
O3 GOL G . -5.15 -4.80 12.71
C1 GOL H . 9.12 4.99 27.53
O1 GOL H . 10.22 4.42 28.20
C2 GOL H . 8.40 6.00 28.40
O2 GOL H . 7.90 5.27 29.48
C3 GOL H . 7.16 6.55 27.75
O3 GOL H . 7.47 7.37 26.63
CL CL I . -10.92 10.71 33.70
CL CL J . -12.70 -11.36 14.76
CL CL K . -21.13 4.14 27.11
FE FE L . -3.13 4.02 -21.94
C1 DHB M . -3.72 4.18 -16.77
C2 DHB M . -2.75 4.14 -17.78
C3 DHB M . -3.07 4.04 -19.12
O3 DHB M . -2.09 4.02 -20.04
C4 DHB M . -4.49 3.98 -19.52
O4 DHB M . -4.77 3.89 -20.85
C5 DHB M . -5.45 4.00 -18.51
C6 DHB M . -5.06 4.09 -17.14
C DHB M . -3.21 4.21 -15.32
O1 DHB M . -1.98 4.27 -15.12
O2 DHB M . -3.98 4.06 -14.33
C1 GOL N . 4.59 0.23 -13.95
O1 GOL N . 3.23 -0.15 -14.10
C2 GOL N . 5.19 0.42 -15.35
O2 GOL N . 4.78 1.66 -15.87
C3 GOL N . 6.72 0.29 -15.33
O3 GOL N . 7.35 1.38 -14.68
CL CL O . 24.00 2.23 -24.43
#